data_3WF8
#
_entry.id   3WF8
#
_cell.length_a   121.737
_cell.length_b   62.535
_cell.length_c   79.977
_cell.angle_alpha   90.00
_cell.angle_beta   127.97
_cell.angle_gamma   90.00
#
_symmetry.space_group_name_H-M   'C 1 2 1'
#
loop_
_entity.id
_entity.type
_entity.pdbx_description
1 polymer 'Ribosomal protein S6 kinase beta-1'
2 non-polymer 'ZINC ION'
3 non-polymer '2-oxo-2-[(4-sulfamoylphenyl)amino]ethyl 7,8,9,10-tetrahydro-6H-cyclohepta[b]quinoline-11-carboxylate'
4 non-polymer GLYCEROL
5 water water
#
_entity_poly.entity_id   1
_entity_poly.type   'polypeptide(L)'
_entity_poly.pdbx_seq_one_letter_code
;GSFTSSGSVNRGPEKIRPECFELLRVLGKGGYGKVFQVRKVTGANTGKIFAMKVLKKAMIVRNAKDTAHTKAERNILEEV
KHPFIVDLIYAFQTGGKLYLILEYLSGGELFMQLEREGIFMEDTACFYLAEISMALGHLHQKGIIYRDLKPENIMLNHQG
HVKLTDFGLCKESIHDGTVTH(TPO)FCGTIEYMAPEILMRSGHNRAVDWWSLGALMYDMLTGAPPFTGENRKKTIDKIL
KCKLNLPPYLTQEARDLLKKLLKRNAASRLGAGPGDAGEVQAHPFFRHINWEELLARKVEPPFKPLLQSEEDVSQFDSKF
TRQTPVDSPDDST
;
_entity_poly.pdbx_strand_id   A
#
# COMPACT_ATOMS: atom_id res chain seq x y z
N LYS A 15 21.84 -20.27 11.89
CA LYS A 15 21.52 -20.00 10.49
C LYS A 15 20.09 -20.42 10.17
N ILE A 16 19.29 -19.45 9.77
CA ILE A 16 17.89 -19.70 9.45
C ILE A 16 17.75 -20.44 8.12
N ARG A 17 16.88 -21.45 8.10
CA ARG A 17 16.63 -22.28 6.93
C ARG A 17 15.13 -22.52 6.80
N PRO A 18 14.65 -22.94 5.62
CA PRO A 18 13.23 -23.27 5.46
C PRO A 18 12.71 -24.26 6.51
N GLU A 19 13.56 -25.20 6.90
CA GLU A 19 13.16 -26.26 7.84
C GLU A 19 12.85 -25.72 9.23
N CYS A 20 13.29 -24.49 9.50
CA CYS A 20 13.04 -23.87 10.80
C CYS A 20 11.58 -23.50 10.97
N PHE A 21 10.79 -23.62 9.91
CA PHE A 21 9.41 -23.18 9.93
C PHE A 21 8.45 -24.30 9.54
N GLU A 22 7.33 -24.37 10.26
CA GLU A 22 6.27 -25.31 9.99
C GLU A 22 5.16 -24.58 9.24
N LEU A 23 4.68 -25.15 8.14
CA LEU A 23 3.64 -24.51 7.30
C LEU A 23 2.25 -24.77 7.86
N LEU A 24 1.47 -23.71 8.07
CA LEU A 24 0.12 -23.81 8.64
C LEU A 24 -1.01 -23.65 7.62
N ARG A 25 -0.76 -22.87 6.56
CA ARG A 25 -1.72 -22.72 5.47
C ARG A 25 -1.14 -21.84 4.37
N VAL A 26 -1.82 -21.85 3.24
CA VAL A 26 -1.41 -21.05 2.09
C VAL A 26 -2.16 -19.72 2.14
N LEU A 27 -1.42 -18.61 2.22
CA LEU A 27 -2.06 -17.30 2.32
C LEU A 27 -2.33 -16.72 0.96
N GLY A 28 -1.50 -17.05 -0.02
CA GLY A 28 -1.70 -16.55 -1.37
C GLY A 28 -0.69 -17.13 -2.33
N LYS A 29 -0.94 -16.99 -3.63
CA LYS A 29 -0.05 -17.52 -4.64
C LYS A 29 -0.18 -16.79 -5.98
N GLY A 30 0.87 -16.83 -6.78
CA GLY A 30 0.85 -16.16 -8.07
C GLY A 30 1.83 -16.78 -9.04
N GLY A 31 2.20 -16.03 -10.07
CA GLY A 31 3.07 -16.55 -11.10
C GLY A 31 4.51 -16.76 -10.68
N TYR A 32 4.93 -16.13 -9.59
CA TYR A 32 6.34 -16.19 -9.20
C TYR A 32 6.59 -16.99 -7.92
N GLY A 33 5.54 -17.33 -7.20
CA GLY A 33 5.73 -18.03 -5.93
C GLY A 33 4.50 -18.05 -5.05
N LYS A 34 4.72 -18.23 -3.74
CA LYS A 34 3.63 -18.47 -2.80
C LYS A 34 3.92 -17.79 -1.47
N VAL A 35 2.88 -17.47 -0.72
CA VAL A 35 3.03 -17.07 0.68
C VAL A 35 2.33 -18.09 1.59
N PHE A 36 3.05 -18.51 2.64
CA PHE A 36 2.51 -19.45 3.63
C PHE A 36 2.38 -18.76 4.99
N GLN A 37 1.41 -19.19 5.79
CA GLN A 37 1.47 -18.87 7.21
C GLN A 37 2.38 -19.92 7.83
N VAL A 38 3.34 -19.49 8.64
CA VAL A 38 4.26 -20.42 9.27
C VAL A 38 4.44 -20.14 10.77
N ARG A 39 4.97 -21.11 11.49
CA ARG A 39 5.39 -20.88 12.86
C ARG A 39 6.79 -21.44 13.07
N LYS A 40 7.59 -20.73 13.85
CA LYS A 40 8.96 -21.14 14.12
C LYS A 40 9.00 -22.37 15.01
N VAL A 41 9.71 -23.40 14.56
CA VAL A 41 9.66 -24.72 15.21
C VAL A 41 10.46 -24.76 16.51
N THR A 42 11.62 -24.10 16.52
CA THR A 42 12.47 -24.17 17.70
C THR A 42 13.31 -22.90 17.88
N GLY A 43 14.04 -22.83 18.98
CA GLY A 43 14.93 -21.70 19.24
C GLY A 43 14.22 -20.46 19.75
N ALA A 44 14.70 -19.31 19.31
CA ALA A 44 14.10 -18.03 19.71
C ALA A 44 12.76 -17.84 19.00
N ASN A 45 11.77 -17.40 19.75
CA ASN A 45 10.41 -17.21 19.25
C ASN A 45 9.80 -18.51 18.76
N THR A 46 10.09 -19.60 19.48
CA THR A 46 9.42 -20.87 19.25
C THR A 46 7.91 -20.63 19.26
N GLY A 47 7.23 -21.02 18.19
CA GLY A 47 5.80 -20.83 18.08
C GLY A 47 5.32 -19.49 17.51
N LYS A 48 6.23 -18.53 17.36
CA LYS A 48 5.85 -17.25 16.78
C LYS A 48 5.34 -17.45 15.34
N ILE A 49 4.27 -16.74 15.00
CA ILE A 49 3.62 -16.85 13.69
C ILE A 49 4.18 -15.81 12.70
N PHE A 50 4.48 -16.24 11.48
CA PHE A 50 5.02 -15.35 10.45
C PHE A 50 4.30 -15.60 9.14
N ALA A 51 4.51 -14.70 8.18
CA ALA A 51 4.15 -14.97 6.80
C ALA A 51 5.45 -15.29 6.03
N MET A 52 5.48 -16.41 5.33
CA MET A 52 6.67 -16.78 4.59
C MET A 52 6.44 -16.68 3.08
N LYS A 53 7.12 -15.73 2.44
CA LYS A 53 6.99 -15.61 1.00
C LYS A 53 8.11 -16.40 0.32
N VAL A 54 7.74 -17.30 -0.58
CA VAL A 54 8.70 -18.17 -1.25
C VAL A 54 8.64 -17.95 -2.76
N LEU A 55 9.72 -17.41 -3.32
CA LEU A 55 9.79 -17.10 -4.75
C LEU A 55 10.68 -18.09 -5.49
N LYS A 56 10.23 -18.55 -6.65
CA LYS A 56 11.01 -19.45 -7.47
C LYS A 56 12.00 -18.67 -8.33
N LYS A 57 13.29 -18.84 -8.05
CA LYS A 57 14.35 -18.14 -8.81
C LYS A 57 14.21 -18.37 -10.32
N ALA A 58 13.89 -19.60 -10.71
CA ALA A 58 13.69 -19.93 -12.11
C ALA A 58 12.68 -19.01 -12.80
N MET A 59 11.63 -18.63 -12.08
CA MET A 59 10.57 -17.78 -12.63
C MET A 59 11.02 -16.32 -12.69
N ILE A 60 12.16 -16.02 -12.07
CA ILE A 60 12.61 -14.64 -11.90
C ILE A 60 13.91 -14.33 -12.65
N VAL A 61 14.93 -15.17 -12.45
CA VAL A 61 16.30 -14.86 -12.86
C VAL A 61 16.53 -14.66 -14.36
N ARG A 62 15.63 -15.18 -15.20
CA ARG A 62 15.76 -15.01 -16.65
C ARG A 62 15.41 -13.60 -17.12
N ASN A 63 14.67 -12.86 -16.30
CA ASN A 63 14.23 -11.52 -16.67
C ASN A 63 14.88 -10.47 -15.77
N ALA A 64 15.74 -9.65 -16.39
CA ALA A 64 16.49 -8.62 -15.66
C ALA A 64 15.58 -7.66 -14.89
N LYS A 65 14.38 -7.38 -15.41
CA LYS A 65 13.50 -6.45 -14.73
C LYS A 65 12.95 -7.06 -13.44
N ASP A 66 12.52 -8.32 -13.51
CA ASP A 66 11.97 -9.01 -12.34
C ASP A 66 13.04 -9.28 -11.29
N THR A 67 14.23 -9.69 -11.74
CA THR A 67 15.38 -9.80 -10.85
C THR A 67 15.64 -8.50 -10.10
N ALA A 68 15.68 -7.39 -10.82
CA ALA A 68 15.89 -6.08 -10.21
C ALA A 68 14.80 -5.72 -9.22
N HIS A 69 13.57 -6.03 -9.58
CA HIS A 69 12.41 -5.71 -8.75
C HIS A 69 12.47 -6.54 -7.46
N THR A 70 12.93 -7.78 -7.58
CA THR A 70 13.03 -8.67 -6.41
C THR A 70 14.06 -8.15 -5.42
N LYS A 71 15.20 -7.70 -5.95
CA LYS A 71 16.27 -7.19 -5.09
C LYS A 71 15.87 -5.86 -4.47
N ALA A 72 15.12 -5.05 -5.19
CA ALA A 72 14.67 -3.77 -4.63
C ALA A 72 13.65 -3.99 -3.51
N GLU A 73 12.79 -5.00 -3.66
CA GLU A 73 11.84 -5.34 -2.61
C GLU A 73 12.57 -5.67 -1.30
N ARG A 74 13.55 -6.55 -1.38
CA ARG A 74 14.30 -6.95 -0.19
C ARG A 74 15.11 -5.81 0.42
N ASN A 75 15.69 -4.97 -0.44
CA ASN A 75 16.46 -3.81 0.02
C ASN A 75 15.59 -2.74 0.68
N ILE A 76 14.41 -2.50 0.12
CA ILE A 76 13.45 -1.59 0.74
C ILE A 76 12.99 -2.12 2.10
N LEU A 77 12.54 -3.37 2.12
CA LEU A 77 12.01 -3.99 3.34
C LEU A 77 13.06 -4.13 4.43
N GLU A 78 14.32 -4.28 4.05
CA GLU A 78 15.38 -4.36 5.04
C GLU A 78 15.68 -2.99 5.66
N GLU A 79 15.51 -1.94 4.89
CA GLU A 79 15.91 -0.59 5.31
C GLU A 79 14.80 0.08 6.12
N VAL A 80 13.57 -0.17 5.72
CA VAL A 80 12.41 0.43 6.36
C VAL A 80 12.26 -0.02 7.81
N LYS A 81 12.07 0.96 8.69
CA LYS A 81 11.78 0.71 10.11
C LYS A 81 10.59 1.57 10.56
N HIS A 82 9.39 1.03 10.42
CA HIS A 82 8.20 1.87 10.60
C HIS A 82 6.98 1.04 10.99
N PRO A 83 6.16 1.56 11.91
CA PRO A 83 5.02 0.75 12.34
C PRO A 83 3.96 0.52 11.27
N PHE A 84 3.91 1.38 10.27
CA PHE A 84 2.82 1.31 9.28
C PHE A 84 3.26 0.71 7.94
N ILE A 85 4.39 0.04 7.94
CA ILE A 85 4.89 -0.70 6.77
C ILE A 85 5.24 -2.12 7.21
N VAL A 86 4.90 -3.11 6.40
CA VAL A 86 5.14 -4.52 6.76
C VAL A 86 6.60 -4.76 7.16
N ASP A 87 6.79 -5.51 8.24
CA ASP A 87 8.14 -5.72 8.75
C ASP A 87 8.74 -7.02 8.21
N LEU A 88 9.97 -6.94 7.72
CA LEU A 88 10.71 -8.09 7.24
C LEU A 88 11.62 -8.55 8.37
N ILE A 89 11.45 -9.81 8.78
CA ILE A 89 12.18 -10.38 9.92
C ILE A 89 13.43 -11.14 9.50
N TYR A 90 13.29 -12.10 8.59
CA TYR A 90 14.44 -12.83 8.05
C TYR A 90 14.38 -12.87 6.52
N ALA A 91 15.54 -13.08 5.91
CA ALA A 91 15.61 -13.26 4.46
C ALA A 91 16.80 -14.14 4.09
N PHE A 92 16.53 -15.19 3.35
CA PHE A 92 17.57 -16.14 2.97
C PHE A 92 17.20 -16.79 1.65
N GLN A 93 18.13 -17.53 1.07
CA GLN A 93 17.82 -18.21 -0.17
C GLN A 93 18.34 -19.63 -0.14
N THR A 94 17.82 -20.44 -1.06
CA THR A 94 18.35 -21.77 -1.32
C THR A 94 18.86 -21.79 -2.75
N GLY A 95 19.16 -22.98 -3.27
CA GLY A 95 19.59 -23.11 -4.63
C GLY A 95 18.54 -22.57 -5.58
N GLY A 96 17.28 -22.93 -5.32
CA GLY A 96 16.20 -22.57 -6.23
C GLY A 96 15.16 -21.58 -5.74
N LYS A 97 15.19 -21.22 -4.47
CA LYS A 97 14.15 -20.34 -3.94
C LYS A 97 14.72 -19.18 -3.13
N LEU A 98 13.96 -18.07 -3.13
CA LEU A 98 14.20 -16.95 -2.24
C LEU A 98 13.12 -16.95 -1.17
N TYR A 99 13.53 -16.72 0.07
CA TYR A 99 12.61 -16.69 1.20
C TYR A 99 12.61 -15.32 1.88
N LEU A 100 11.42 -14.84 2.18
CA LEU A 100 11.23 -13.64 2.97
C LEU A 100 10.33 -13.99 4.15
N ILE A 101 10.82 -13.80 5.37
CA ILE A 101 9.95 -14.05 6.54
C ILE A 101 9.39 -12.70 7.00
N LEU A 102 8.08 -12.53 6.85
CA LEU A 102 7.41 -11.27 7.14
C LEU A 102 6.52 -11.41 8.36
N GLU A 103 6.16 -10.29 9.00
CA GLU A 103 5.16 -10.36 10.07
C GLU A 103 3.82 -10.76 9.45
N TYR A 104 3.06 -11.53 10.20
CA TYR A 104 1.74 -12.00 9.77
C TYR A 104 0.71 -10.94 10.14
N LEU A 105 -0.12 -10.53 9.18
CA LEU A 105 -1.07 -9.46 9.42
C LEU A 105 -2.50 -9.99 9.44
N SER A 106 -3.06 -10.11 10.63
CA SER A 106 -4.34 -10.81 10.81
C SER A 106 -5.59 -9.95 10.66
N GLY A 107 -5.42 -8.65 10.51
CA GLY A 107 -6.55 -7.74 10.41
C GLY A 107 -7.20 -7.62 9.05
N GLY A 108 -6.64 -8.29 8.04
CA GLY A 108 -7.22 -8.30 6.71
C GLY A 108 -6.85 -7.11 5.84
N GLU A 109 -7.49 -7.00 4.69
CA GLU A 109 -7.27 -5.87 3.78
C GLU A 109 -8.17 -4.70 4.13
N LEU A 110 -7.68 -3.47 3.95
CA LEU A 110 -8.51 -2.29 4.11
C LEU A 110 -9.68 -2.33 3.13
N PHE A 111 -9.46 -2.99 2.00
CA PHE A 111 -10.51 -3.29 1.02
C PHE A 111 -11.75 -3.93 1.66
N MET A 112 -11.54 -4.95 2.49
CA MET A 112 -12.67 -5.63 3.14
C MET A 112 -13.42 -4.69 4.07
N GLN A 113 -12.73 -3.68 4.60
CA GLN A 113 -13.36 -2.72 5.49
C GLN A 113 -14.27 -1.77 4.72
N LEU A 114 -13.80 -1.29 3.57
CA LEU A 114 -14.60 -0.43 2.70
C LEU A 114 -15.83 -1.15 2.17
N GLU A 115 -15.70 -2.44 1.88
CA GLU A 115 -16.82 -3.22 1.36
C GLU A 115 -17.91 -3.37 2.43
N ARG A 116 -17.48 -3.64 3.66
CA ARG A 116 -18.42 -3.90 4.75
C ARG A 116 -19.14 -2.63 5.20
N GLU A 117 -18.46 -1.49 5.13
CA GLU A 117 -19.02 -0.21 5.55
C GLU A 117 -19.68 0.54 4.40
N GLY A 118 -19.15 0.38 3.19
CA GLY A 118 -19.58 1.17 2.05
C GLY A 118 -18.91 2.53 2.08
N ILE A 119 -19.36 3.37 3.01
CA ILE A 119 -18.76 4.68 3.24
C ILE A 119 -18.23 4.79 4.69
N PHE A 120 -16.99 5.26 4.84
CA PHE A 120 -16.42 5.54 6.14
C PHE A 120 -16.92 6.88 6.65
N MET A 121 -17.22 6.96 7.94
CA MET A 121 -17.40 8.25 8.57
C MET A 121 -16.08 9.00 8.46
N GLU A 122 -16.14 10.32 8.48
CA GLU A 122 -14.95 11.13 8.27
C GLU A 122 -13.82 10.81 9.26
N ASP A 123 -14.16 10.61 10.53
CA ASP A 123 -13.14 10.36 11.55
C ASP A 123 -12.43 9.03 11.34
N THR A 124 -13.15 8.05 10.82
CA THR A 124 -12.57 6.76 10.47
C THR A 124 -11.64 6.88 9.28
N ALA A 125 -12.10 7.57 8.24
CA ALA A 125 -11.26 7.88 7.07
C ALA A 125 -10.00 8.62 7.50
N CYS A 126 -10.20 9.65 8.30
CA CYS A 126 -9.11 10.49 8.78
C CYS A 126 -8.01 9.68 9.48
N PHE A 127 -8.41 8.76 10.34
CA PHE A 127 -7.44 7.90 11.03
C PHE A 127 -6.55 7.13 10.05
N TYR A 128 -7.16 6.38 9.13
CA TYR A 128 -6.41 5.54 8.19
C TYR A 128 -5.53 6.36 7.26
N LEU A 129 -6.09 7.44 6.73
CA LEU A 129 -5.33 8.33 5.84
C LEU A 129 -4.15 8.98 6.56
N ALA A 130 -4.32 9.33 7.84
CA ALA A 130 -3.22 9.86 8.65
C ALA A 130 -2.08 8.86 8.78
N GLU A 131 -2.39 7.64 9.18
CA GLU A 131 -1.35 6.61 9.32
C GLU A 131 -0.66 6.35 7.98
N ILE A 132 -1.43 6.28 6.89
CA ILE A 132 -0.83 6.05 5.58
C ILE A 132 0.13 7.19 5.27
N SER A 133 -0.27 8.43 5.54
CA SER A 133 0.58 9.57 5.22
C SER A 133 1.94 9.51 5.92
N MET A 134 1.96 8.96 7.15
CA MET A 134 3.20 8.80 7.90
C MET A 134 4.11 7.76 7.24
N ALA A 135 3.50 6.66 6.80
CA ALA A 135 4.22 5.63 6.05
C ALA A 135 4.80 6.19 4.75
N LEU A 136 4.00 6.94 4.01
CA LEU A 136 4.47 7.53 2.76
C LEU A 136 5.62 8.51 3.02
N GLY A 137 5.54 9.30 4.08
CA GLY A 137 6.62 10.21 4.44
C GLY A 137 7.93 9.52 4.74
N HIS A 138 7.84 8.39 5.46
CA HIS A 138 9.00 7.56 5.78
C HIS A 138 9.67 7.07 4.49
N LEU A 139 8.85 6.59 3.58
CA LEU A 139 9.32 6.08 2.30
C LEU A 139 9.92 7.20 1.45
N HIS A 140 9.19 8.30 1.31
CA HIS A 140 9.63 9.39 0.45
C HIS A 140 10.97 9.97 0.88
N GLN A 141 11.22 10.08 2.19
CA GLN A 141 12.50 10.67 2.57
C GLN A 141 13.63 9.68 2.31
N LYS A 142 13.31 8.39 2.15
CA LYS A 142 14.29 7.36 1.77
C LYS A 142 14.48 7.29 0.25
N GLY A 143 13.73 8.12 -0.48
CA GLY A 143 13.79 8.15 -1.93
C GLY A 143 12.95 7.06 -2.60
N ILE A 144 12.03 6.47 -1.83
CA ILE A 144 11.19 5.38 -2.34
C ILE A 144 9.78 5.88 -2.70
N ILE A 145 9.33 5.55 -3.90
CA ILE A 145 7.97 5.89 -4.33
C ILE A 145 7.07 4.66 -4.32
N TYR A 146 5.91 4.77 -3.66
CA TYR A 146 5.02 3.62 -3.48
C TYR A 146 4.22 3.29 -4.74
N ARG A 147 3.66 4.33 -5.39
CA ARG A 147 2.94 4.20 -6.67
C ARG A 147 1.61 3.44 -6.60
N ASP A 148 1.60 2.34 -5.85
CA ASP A 148 0.50 1.37 -5.88
C ASP A 148 -0.40 1.43 -4.64
N LEU A 149 -0.61 2.64 -4.11
CA LEU A 149 -1.53 2.77 -3.00
C LEU A 149 -2.92 2.43 -3.49
N LYS A 150 -3.51 1.37 -2.93
CA LYS A 150 -4.89 0.99 -3.24
C LYS A 150 -5.40 0.09 -2.10
N PRO A 151 -6.74 0.03 -1.90
CA PRO A 151 -7.32 -0.66 -0.73
C PRO A 151 -6.80 -2.09 -0.53
N GLU A 152 -6.67 -2.84 -1.62
CA GLU A 152 -6.14 -4.20 -1.59
C GLU A 152 -4.71 -4.29 -1.05
N ASN A 153 -3.94 -3.22 -1.23
CA ASN A 153 -2.53 -3.20 -0.81
C ASN A 153 -2.32 -2.82 0.65
N ILE A 154 -3.38 -2.33 1.29
CA ILE A 154 -3.27 -1.83 2.65
C ILE A 154 -3.86 -2.81 3.64
N MET A 155 -3.02 -3.48 4.42
CA MET A 155 -3.51 -4.45 5.37
C MET A 155 -3.62 -3.84 6.76
N LEU A 156 -4.22 -4.58 7.68
CA LEU A 156 -4.36 -4.16 9.06
C LEU A 156 -3.70 -5.21 9.95
N ASN A 157 -2.98 -4.76 10.98
CA ASN A 157 -2.45 -5.70 11.97
C ASN A 157 -3.57 -6.10 12.92
N HIS A 158 -3.26 -6.94 13.91
CA HIS A 158 -4.29 -7.50 14.77
C HIS A 158 -5.03 -6.45 15.60
N GLN A 159 -4.41 -5.28 15.76
CA GLN A 159 -5.00 -4.18 16.52
C GLN A 159 -5.89 -3.32 15.65
N GLY A 160 -5.61 -3.30 14.35
CA GLY A 160 -6.38 -2.47 13.45
C GLY A 160 -5.61 -1.30 12.84
N HIS A 161 -4.29 -1.28 13.06
CA HIS A 161 -3.41 -0.25 12.49
C HIS A 161 -3.00 -0.61 11.07
N VAL A 162 -2.80 0.43 10.27
CA VAL A 162 -2.39 0.31 8.87
C VAL A 162 -1.02 -0.35 8.67
N LYS A 163 -0.92 -1.18 7.63
CA LYS A 163 0.36 -1.70 7.14
C LYS A 163 0.42 -1.63 5.61
N LEU A 164 1.41 -0.94 5.04
CA LEU A 164 1.57 -0.94 3.58
C LEU A 164 2.33 -2.21 3.16
N THR A 165 1.88 -2.85 2.08
CA THR A 165 2.49 -4.08 1.58
C THR A 165 2.78 -3.95 0.08
N ASP A 166 3.16 -5.06 -0.55
CA ASP A 166 3.32 -5.12 -2.01
C ASP A 166 4.40 -4.15 -2.55
N PHE A 167 5.64 -4.46 -2.25
CA PHE A 167 6.80 -3.72 -2.72
C PHE A 167 7.54 -4.54 -3.77
N GLY A 168 7.04 -5.73 -4.04
CA GLY A 168 7.73 -6.68 -4.89
C GLY A 168 6.98 -7.06 -6.15
N LEU A 169 7.14 -8.32 -6.56
CA LEU A 169 6.63 -8.80 -7.84
C LEU A 169 5.10 -8.88 -7.88
N CYS A 170 4.58 -8.99 -9.11
CA CYS A 170 3.14 -8.93 -9.35
C CYS A 170 2.34 -10.01 -8.63
N LYS A 171 1.29 -9.57 -7.94
CA LYS A 171 0.44 -10.49 -7.19
C LYS A 171 -0.80 -10.90 -7.98
N GLU A 172 -0.97 -10.35 -9.17
CA GLU A 172 -2.19 -10.60 -9.95
C GLU A 172 -2.17 -11.94 -10.70
N SER A 173 -3.35 -12.51 -10.91
CA SER A 173 -3.46 -13.76 -11.65
C SER A 173 -3.67 -13.52 -13.14
N ILE A 174 -4.09 -12.30 -13.49
CA ILE A 174 -4.27 -11.91 -14.89
C ILE A 174 -3.48 -10.63 -15.18
N HIS A 175 -2.56 -10.72 -16.13
CA HIS A 175 -1.60 -9.65 -16.39
C HIS A 175 -1.94 -8.79 -17.61
N ASP A 176 -1.64 -7.51 -17.49
CA ASP A 176 -1.94 -6.52 -18.52
C ASP A 176 -0.79 -6.46 -19.52
N GLY A 177 -0.98 -7.04 -20.70
CA GLY A 177 0.07 -7.06 -21.70
C GLY A 177 1.12 -8.13 -21.44
N THR A 178 2.27 -8.00 -22.08
CA THR A 178 3.32 -9.01 -21.98
C THR A 178 4.69 -8.41 -21.66
N VAL A 179 4.72 -7.12 -21.33
CA VAL A 179 6.01 -6.45 -21.15
C VAL A 179 6.23 -5.96 -19.73
N THR A 180 5.17 -5.46 -19.09
CA THR A 180 5.30 -4.88 -17.78
C THR A 180 4.15 -5.29 -16.89
N HIS A 181 4.38 -5.21 -15.57
CA HIS A 181 3.37 -5.53 -14.58
C HIS A 181 2.93 -4.26 -13.87
N PHE A 183 0.76 -2.07 -14.73
CA PHE A 183 -0.66 -1.78 -14.79
C PHE A 183 -1.58 -2.99 -14.55
N CYS A 184 -1.04 -4.05 -13.97
CA CYS A 184 -1.82 -5.27 -13.79
C CYS A 184 -3.01 -5.14 -12.85
N GLY A 185 -2.89 -4.36 -11.80
CA GLY A 185 -3.99 -4.27 -10.87
C GLY A 185 -5.13 -3.40 -11.38
N THR A 186 -6.07 -3.08 -10.50
CA THR A 186 -6.93 -1.93 -10.74
C THR A 186 -6.03 -0.72 -10.96
N ILE A 187 -6.40 0.17 -11.88
CA ILE A 187 -5.62 1.40 -12.07
C ILE A 187 -6.37 2.62 -11.52
N GLU A 188 -7.49 2.38 -10.86
CA GLU A 188 -8.37 3.46 -10.39
C GLU A 188 -7.72 4.47 -9.44
N TYR A 189 -6.61 4.10 -8.79
CA TYR A 189 -5.93 4.97 -7.83
C TYR A 189 -4.60 5.49 -8.32
N MET A 190 -4.29 5.22 -9.58
CA MET A 190 -3.00 5.60 -10.17
C MET A 190 -3.02 6.98 -10.77
N ALA A 191 -1.95 7.72 -10.53
CA ALA A 191 -1.86 9.10 -10.99
C ALA A 191 -1.82 9.15 -12.53
N PRO A 192 -2.40 10.21 -13.12
CA PRO A 192 -2.42 10.44 -14.58
C PRO A 192 -1.06 10.43 -15.23
N GLU A 193 -0.04 11.00 -14.60
CA GLU A 193 1.30 11.04 -15.20
C GLU A 193 1.94 9.65 -15.35
N ILE A 194 1.47 8.67 -14.60
CA ILE A 194 1.98 7.32 -14.79
C ILE A 194 1.32 6.68 -16.03
N LEU A 195 -0.01 6.76 -16.06
CA LEU A 195 -0.80 6.34 -17.22
C LEU A 195 -0.44 7.12 -18.51
N MET A 196 0.07 8.34 -18.37
CA MET A 196 0.51 9.12 -19.55
C MET A 196 1.94 8.77 -19.96
N ARG A 197 2.65 8.07 -19.07
CA ARG A 197 4.07 7.81 -19.20
C ARG A 197 4.86 9.09 -19.47
N SER A 198 4.51 10.15 -18.75
CA SER A 198 5.14 11.45 -19.01
C SER A 198 6.15 11.85 -17.95
N GLY A 199 6.56 10.88 -17.13
CA GLY A 199 7.54 11.12 -16.09
C GLY A 199 6.87 11.41 -14.77
N HIS A 200 7.46 10.94 -13.68
CA HIS A 200 6.80 11.10 -12.39
C HIS A 200 7.79 10.98 -11.22
N ASN A 201 7.30 11.37 -10.06
CA ASN A 201 8.08 11.43 -8.83
C ASN A 201 7.15 11.06 -7.67
N ARG A 202 7.52 11.47 -6.46
CA ARG A 202 6.76 11.07 -5.27
C ARG A 202 5.35 11.68 -5.23
N ALA A 203 5.08 12.68 -6.07
CA ALA A 203 3.75 13.30 -6.10
C ALA A 203 2.62 12.34 -6.53
N VAL A 204 2.98 11.24 -7.16
CA VAL A 204 1.99 10.22 -7.53
C VAL A 204 1.34 9.60 -6.30
N ASP A 205 2.07 9.53 -5.19
CA ASP A 205 1.53 8.93 -3.96
C ASP A 205 0.49 9.83 -3.29
N TRP A 206 0.63 11.13 -3.45
CA TRP A 206 -0.33 12.06 -2.86
C TRP A 206 -1.61 12.12 -3.69
N TRP A 207 -1.47 11.94 -5.01
CA TRP A 207 -2.63 11.69 -5.84
C TRP A 207 -3.37 10.44 -5.36
N SER A 208 -2.64 9.32 -5.26
CA SER A 208 -3.26 8.05 -4.86
C SER A 208 -3.93 8.17 -3.51
N LEU A 209 -3.32 8.94 -2.60
CA LEU A 209 -3.93 9.17 -1.28
C LEU A 209 -5.28 9.87 -1.45
N GLY A 210 -5.35 10.82 -2.38
CA GLY A 210 -6.62 11.52 -2.60
C GLY A 210 -7.69 10.60 -3.14
N ALA A 211 -7.33 9.76 -4.11
CA ALA A 211 -8.22 8.80 -4.72
C ALA A 211 -8.79 7.82 -3.69
N LEU A 212 -7.93 7.36 -2.80
CA LEU A 212 -8.31 6.49 -1.71
C LEU A 212 -9.27 7.22 -0.76
N MET A 213 -8.94 8.44 -0.42
CA MET A 213 -9.78 9.25 0.45
C MET A 213 -11.16 9.46 -0.15
N TYR A 214 -11.20 9.81 -1.43
CA TYR A 214 -12.45 9.97 -2.14
C TYR A 214 -13.29 8.69 -2.11
N ASP A 215 -12.61 7.55 -2.30
CA ASP A 215 -13.26 6.23 -2.25
C ASP A 215 -13.87 5.93 -0.85
N MET A 216 -13.09 6.17 0.20
CA MET A 216 -13.57 6.00 1.58
C MET A 216 -14.84 6.78 1.89
N LEU A 217 -14.84 8.04 1.49
CA LEU A 217 -15.92 8.95 1.83
C LEU A 217 -17.11 8.98 0.85
N THR A 218 -16.99 8.35 -0.32
CA THR A 218 -18.12 8.36 -1.27
C THR A 218 -18.62 6.97 -1.67
N GLY A 219 -17.77 5.95 -1.55
CA GLY A 219 -18.18 4.61 -1.90
C GLY A 219 -17.53 4.06 -3.17
N ALA A 220 -16.87 4.94 -3.91
CA ALA A 220 -16.17 4.55 -5.14
C ALA A 220 -15.05 5.55 -5.44
N PRO A 221 -13.98 5.09 -6.11
CA PRO A 221 -12.90 5.99 -6.57
C PRO A 221 -13.44 7.08 -7.49
N PRO A 222 -12.71 8.19 -7.63
CA PRO A 222 -13.31 9.38 -8.23
C PRO A 222 -13.53 9.24 -9.73
N PHE A 223 -12.73 8.40 -10.39
CA PHE A 223 -12.81 8.27 -11.85
C PHE A 223 -12.97 6.83 -12.27
N THR A 224 -14.11 6.24 -11.92
CA THR A 224 -14.41 4.89 -12.36
C THR A 224 -15.31 4.95 -13.57
N GLY A 225 -15.24 3.93 -14.42
CA GLY A 225 -16.07 3.86 -15.61
C GLY A 225 -16.62 2.47 -15.83
N GLU A 226 -17.39 2.31 -16.90
CA GLU A 226 -17.99 1.03 -17.24
C GLU A 226 -16.94 -0.03 -17.51
N ASN A 227 -15.81 0.39 -18.08
CA ASN A 227 -14.67 -0.50 -18.26
C ASN A 227 -13.34 0.24 -18.12
N ARG A 228 -12.25 -0.44 -18.42
CA ARG A 228 -10.92 0.07 -18.08
C ARG A 228 -10.53 1.27 -18.92
N LYS A 229 -10.80 1.18 -20.22
CA LYS A 229 -10.53 2.27 -21.14
C LYS A 229 -11.22 3.54 -20.68
N LYS A 230 -12.51 3.43 -20.37
CA LYS A 230 -13.28 4.59 -19.93
C LYS A 230 -12.79 5.14 -18.60
N THR A 231 -12.31 4.26 -17.72
CA THR A 231 -11.68 4.69 -16.48
C THR A 231 -10.41 5.50 -16.74
N ILE A 232 -9.51 4.92 -17.54
CA ILE A 232 -8.27 5.58 -17.93
C ILE A 232 -8.57 6.94 -18.56
N ASP A 233 -9.52 6.96 -19.49
CA ASP A 233 -9.94 8.22 -20.12
C ASP A 233 -10.37 9.27 -19.08
N LYS A 234 -11.14 8.86 -18.09
CA LYS A 234 -11.63 9.78 -17.05
C LYS A 234 -10.49 10.29 -16.16
N ILE A 235 -9.57 9.38 -15.83
CA ILE A 235 -8.44 9.72 -14.98
C ILE A 235 -7.55 10.76 -15.67
N LEU A 236 -7.33 10.58 -16.97
CA LEU A 236 -6.48 11.50 -17.74
C LEU A 236 -7.17 12.85 -17.95
N LYS A 237 -8.50 12.83 -18.08
CA LYS A 237 -9.30 14.02 -18.31
C LYS A 237 -9.41 14.90 -17.05
N CYS A 238 -9.44 14.25 -15.88
CA CYS A 238 -9.32 14.90 -14.57
C CYS A 238 -10.41 15.92 -14.23
N LYS A 239 -11.67 15.63 -14.54
CA LYS A 239 -12.72 16.59 -14.17
C LYS A 239 -13.37 16.22 -12.83
N LEU A 240 -12.76 16.66 -11.74
CA LEU A 240 -13.17 16.26 -10.40
C LEU A 240 -14.54 16.84 -10.05
N ASN A 241 -15.47 15.96 -9.67
CA ASN A 241 -16.75 16.37 -9.13
C ASN A 241 -16.88 15.98 -7.67
N LEU A 242 -16.87 16.97 -6.79
CA LEU A 242 -16.96 16.71 -5.35
C LEU A 242 -18.41 16.77 -4.90
N PRO A 243 -18.92 15.64 -4.37
CA PRO A 243 -20.31 15.58 -3.90
C PRO A 243 -20.57 16.52 -2.72
N PRO A 244 -21.80 17.05 -2.61
CA PRO A 244 -22.14 18.09 -1.64
C PRO A 244 -22.01 17.66 -0.18
N TYR A 245 -22.14 16.37 0.09
CA TYR A 245 -22.15 15.90 1.46
C TYR A 245 -20.74 15.81 2.07
N LEU A 246 -19.70 16.08 1.28
CA LEU A 246 -18.36 16.10 1.86
C LEU A 246 -18.21 17.32 2.77
N THR A 247 -17.43 17.19 3.83
CA THR A 247 -17.16 18.32 4.72
C THR A 247 -16.26 19.32 4.02
N GLN A 248 -16.28 20.56 4.48
CA GLN A 248 -15.43 21.62 3.96
C GLN A 248 -13.95 21.22 3.96
N GLU A 249 -13.51 20.58 5.04
CA GLU A 249 -12.11 20.18 5.18
C GLU A 249 -11.77 19.06 4.20
N ALA A 250 -12.68 18.10 4.07
CA ALA A 250 -12.45 17.01 3.12
C ALA A 250 -12.46 17.51 1.67
N ARG A 251 -13.44 18.34 1.33
CA ARG A 251 -13.53 18.89 -0.01
C ARG A 251 -12.25 19.63 -0.36
N ASP A 252 -11.76 20.44 0.58
CA ASP A 252 -10.57 21.24 0.35
C ASP A 252 -9.34 20.38 0.12
N LEU A 253 -9.17 19.35 0.95
CA LEU A 253 -8.02 18.47 0.81
C LEU A 253 -8.08 17.68 -0.50
N LEU A 254 -9.26 17.18 -0.85
CA LEU A 254 -9.40 16.38 -2.05
C LEU A 254 -9.06 17.20 -3.30
N LYS A 255 -9.55 18.44 -3.32
CA LYS A 255 -9.25 19.39 -4.39
C LYS A 255 -7.75 19.58 -4.59
N LYS A 256 -7.02 19.62 -3.49
CA LYS A 256 -5.57 19.84 -3.47
C LYS A 256 -4.75 18.59 -3.77
N LEU A 257 -5.29 17.41 -3.44
CA LEU A 257 -4.61 16.14 -3.75
C LEU A 257 -4.86 15.69 -5.20
N LEU A 258 -6.09 15.83 -5.66
CA LEU A 258 -6.46 15.31 -6.97
C LEU A 258 -6.30 16.38 -8.06
N LYS A 259 -5.10 16.95 -8.16
CA LYS A 259 -4.76 17.87 -9.24
C LYS A 259 -3.96 17.17 -10.34
N ARG A 260 -4.38 17.36 -11.58
CA ARG A 260 -3.70 16.77 -12.75
C ARG A 260 -2.23 17.17 -12.82
N ASN A 261 -1.95 18.43 -12.50
CA ASN A 261 -0.58 18.94 -12.53
C ASN A 261 0.18 18.59 -11.26
N ALA A 262 1.07 17.61 -11.34
CA ALA A 262 1.75 17.03 -10.17
C ALA A 262 2.36 18.07 -9.25
N ALA A 263 3.05 19.05 -9.84
CA ALA A 263 3.76 20.06 -9.06
C ALA A 263 2.83 20.99 -8.29
N SER A 264 1.54 20.95 -8.59
CA SER A 264 0.57 21.78 -7.87
C SER A 264 -0.01 21.05 -6.66
N ARG A 265 0.14 19.73 -6.64
CA ARG A 265 -0.46 18.91 -5.59
C ARG A 265 0.10 19.22 -4.23
N LEU A 266 -0.77 19.21 -3.23
CA LEU A 266 -0.34 19.20 -1.84
C LEU A 266 0.55 17.98 -1.61
N GLY A 267 1.69 18.21 -0.96
CA GLY A 267 2.66 17.14 -0.75
C GLY A 267 3.73 17.08 -1.83
N ALA A 268 3.49 17.68 -2.98
CA ALA A 268 4.49 17.68 -4.05
C ALA A 268 5.56 18.69 -3.71
N GLY A 269 5.24 19.60 -2.81
CA GLY A 269 6.20 20.61 -2.40
C GLY A 269 7.37 20.01 -1.64
N PRO A 270 8.34 20.86 -1.28
CA PRO A 270 9.50 20.45 -0.49
C PRO A 270 9.10 19.76 0.82
N GLY A 271 7.99 20.20 1.42
CA GLY A 271 7.52 19.69 2.69
C GLY A 271 6.95 18.28 2.68
N ASP A 272 6.64 17.75 1.49
CA ASP A 272 6.14 16.38 1.32
C ASP A 272 4.98 16.08 2.28
N ALA A 273 5.11 15.00 3.04
CA ALA A 273 4.03 14.57 3.94
C ALA A 273 3.71 15.66 4.98
N GLY A 274 4.74 16.39 5.42
CA GLY A 274 4.57 17.50 6.36
C GLY A 274 3.55 18.51 5.88
N GLU A 275 3.51 18.75 4.57
CA GLU A 275 2.54 19.69 4.00
C GLU A 275 1.13 19.12 4.08
N VAL A 276 0.99 17.83 3.79
CA VAL A 276 -0.32 17.18 3.79
C VAL A 276 -0.84 17.09 5.23
N GLN A 277 0.06 16.76 6.14
CA GLN A 277 -0.30 16.57 7.54
C GLN A 277 -0.72 17.87 8.24
N ALA A 278 -0.26 19.01 7.71
CA ALA A 278 -0.62 20.31 8.25
C ALA A 278 -2.03 20.77 7.85
N HIS A 279 -2.69 20.02 6.97
CA HIS A 279 -4.03 20.41 6.48
C HIS A 279 -5.12 20.19 7.55
N PRO A 280 -6.07 21.14 7.67
CA PRO A 280 -7.18 21.16 8.63
C PRO A 280 -8.04 19.88 8.69
N PHE A 281 -8.08 19.11 7.60
CA PHE A 281 -8.72 17.79 7.65
C PHE A 281 -8.11 16.91 8.76
N PHE A 282 -6.82 17.09 9.02
CA PHE A 282 -6.12 16.32 10.04
C PHE A 282 -5.96 17.10 11.35
N ARG A 283 -6.79 18.11 11.56
CA ARG A 283 -6.59 19.02 12.71
C ARG A 283 -6.62 18.31 14.07
N HIS A 284 -7.34 17.20 14.19
CA HIS A 284 -7.45 16.55 15.50
C HIS A 284 -6.43 15.45 15.72
N ILE A 285 -5.61 15.17 14.71
CA ILE A 285 -4.61 14.12 14.85
C ILE A 285 -3.46 14.61 15.71
N ASN A 286 -3.14 13.82 16.75
CA ASN A 286 -1.88 13.96 17.46
C ASN A 286 -0.86 13.00 16.85
N TRP A 287 0.08 13.53 16.08
CA TRP A 287 0.99 12.70 15.31
C TRP A 287 1.94 11.85 16.17
N GLU A 288 2.34 12.35 17.34
CA GLU A 288 3.21 11.57 18.25
C GLU A 288 2.49 10.33 18.78
N GLU A 289 1.30 10.52 19.30
CA GLU A 289 0.49 9.39 19.78
C GLU A 289 0.10 8.45 18.64
N LEU A 290 -0.07 8.97 17.43
CA LEU A 290 -0.44 8.10 16.30
C LEU A 290 0.72 7.17 15.91
N LEU A 291 1.91 7.76 15.73
CA LEU A 291 3.09 6.98 15.36
C LEU A 291 3.46 5.98 16.45
N ALA A 292 3.17 6.32 17.70
CA ALA A 292 3.44 5.42 18.83
C ALA A 292 2.32 4.38 19.03
N ARG A 293 1.34 4.41 18.14
CA ARG A 293 0.22 3.46 18.11
C ARG A 293 -0.58 3.50 19.39
N LYS A 294 -0.74 4.69 19.93
CA LYS A 294 -1.50 4.88 21.15
C LYS A 294 -2.92 5.34 20.87
N VAL A 295 -3.26 5.48 19.59
CA VAL A 295 -4.62 5.85 19.19
C VAL A 295 -5.43 4.58 18.86
N GLU A 296 -6.58 4.45 19.50
CA GLU A 296 -7.50 3.35 19.20
C GLU A 296 -7.99 3.39 17.75
N PRO A 297 -7.72 2.33 16.98
CA PRO A 297 -8.25 2.26 15.62
C PRO A 297 -9.77 2.11 15.59
N PRO A 298 -10.42 2.61 14.52
CA PRO A 298 -11.87 2.58 14.31
C PRO A 298 -12.45 1.18 14.19
N PHE A 299 -11.64 0.24 13.72
CA PHE A 299 -12.08 -1.15 13.59
C PHE A 299 -11.05 -2.05 14.26
N LYS A 300 -11.54 -2.98 15.07
CA LYS A 300 -10.65 -3.93 15.74
C LYS A 300 -10.98 -5.34 15.29
N PRO A 301 -10.10 -5.92 14.45
CA PRO A 301 -10.21 -7.28 13.89
C PRO A 301 -10.60 -8.33 14.94
N LEU A 302 -10.39 -8.02 16.22
CA LEU A 302 -10.89 -8.84 17.32
C LEU A 302 -12.38 -8.63 17.51
#